data_2ETH
#
_entry.id   2ETH
#
_cell.length_a   98.852
_cell.length_b   58.439
_cell.length_c   80.432
_cell.angle_alpha   90.000
_cell.angle_beta   125.910
_cell.angle_gamma   90.000
#
_symmetry.space_group_name_H-M   'C 1 2 1'
#
loop_
_entity.id
_entity.type
_entity.pdbx_description
1 polymer 'transcriptional regulator, putative, Mar family'
2 non-polymer 'CHLORIDE ION'
3 water water
#
_entity_poly.entity_id   1
_entity_poly.type   'polypeptide(L)'
_entity_poly.pdbx_seq_one_letter_code
;(MSE)GSDKIHHHHHH(MSE)DALEIFKTLFSLV(MSE)RFSSYLPSNEEISD(MSE)KTTELYAFLYVALFGPKK
(MSE)KEIAEFLSTTKSNVTNVVDSLEKRGLVVRE(MSE)DPVDRRTYRVVLTEKGKEIFGEILSNFESLLKSVLEKFSE
EDFKVVSEGFNR(MSE)VEALSREGR
;
_entity_poly.pdbx_strand_id   A,B
#
# COMPACT_ATOMS: atom_id res chain seq x y z
N HIS A 12 -12.72 5.05 -22.41
CA HIS A 12 -11.96 6.26 -21.96
C HIS A 12 -11.35 6.08 -20.55
N ASP A 14 -11.66 7.49 -16.40
CA ASP A 14 -10.99 8.56 -15.65
C ASP A 14 -10.15 7.99 -14.53
N ALA A 15 -8.91 8.48 -14.43
CA ALA A 15 -7.92 7.98 -13.47
C ALA A 15 -8.41 8.00 -12.00
N LEU A 16 -9.13 9.07 -11.62
CA LEU A 16 -9.66 9.25 -10.25
C LEU A 16 -10.79 8.28 -9.93
N GLU A 17 -11.64 8.00 -10.92
CA GLU A 17 -12.78 7.10 -10.74
C GLU A 17 -12.28 5.73 -10.26
N ILE A 18 -11.31 5.16 -10.98
CA ILE A 18 -10.79 3.82 -10.65
C ILE A 18 -10.00 3.82 -9.34
N PHE A 19 -9.24 4.90 -9.11
CA PHE A 19 -8.49 5.10 -7.86
C PHE A 19 -9.44 5.05 -6.64
N LYS A 20 -10.49 5.87 -6.70
CA LYS A 20 -11.47 5.95 -5.63
C LYS A 20 -12.02 4.55 -5.31
N THR A 21 -12.42 3.80 -6.35
CA THR A 21 -12.94 2.43 -6.17
C THR A 21 -11.89 1.42 -5.68
N LEU A 22 -10.64 1.62 -6.13
CA LEU A 22 -9.54 0.84 -5.62
C LEU A 22 -9.35 1.11 -4.10
N PHE A 23 -9.32 2.38 -3.69
CA PHE A 23 -9.11 2.77 -2.27
C PHE A 23 -10.20 2.23 -1.31
N SER A 24 -11.46 2.41 -1.73
CA SER A 24 -12.62 1.80 -1.07
C SER A 24 -12.47 0.29 -0.87
N LEU A 25 -11.95 -0.39 -1.89
CA LEU A 25 -11.68 -1.82 -1.76
C LEU A 25 -10.65 -2.03 -0.65
N VAL A 26 -9.52 -1.32 -0.73
CA VAL A 26 -8.48 -1.42 0.29
C VAL A 26 -9.06 -1.13 1.68
N ARG A 28 -12.04 -1.61 2.55
CA ARG A 28 -12.83 -2.79 2.89
C ARG A 28 -11.88 -3.86 3.43
N PHE A 29 -10.76 -4.07 2.72
CA PHE A 29 -9.70 -5.00 3.21
C PHE A 29 -9.07 -4.52 4.54
N SER A 30 -8.96 -3.22 4.76
CA SER A 30 -8.44 -2.71 6.04
C SER A 30 -9.20 -3.29 7.23
N SER A 31 -10.52 -3.34 7.10
CA SER A 31 -11.40 -3.80 8.17
C SER A 31 -11.34 -5.31 8.33
N TYR A 32 -10.70 -6.00 7.40
CA TYR A 32 -10.56 -7.48 7.44
C TYR A 32 -9.17 -7.94 7.91
N LEU A 33 -8.26 -6.99 8.10
CA LEU A 33 -6.83 -7.22 8.33
C LEU A 33 -6.44 -6.72 9.72
N PRO A 34 -6.17 -7.62 10.66
CA PRO A 34 -5.74 -7.21 12.00
C PRO A 34 -4.58 -6.18 12.00
N SER A 35 -4.61 -5.23 12.93
CA SER A 35 -3.62 -4.17 12.98
C SER A 35 -2.28 -4.62 13.58
N ASN A 36 -1.31 -3.71 13.57
CA ASN A 36 0.09 -3.97 14.03
C ASN A 36 0.75 -2.62 14.39
N GLU A 37 1.30 -2.50 15.60
CA GLU A 37 1.84 -1.20 16.04
C GLU A 37 3.11 -0.74 15.31
N GLU A 38 3.92 -1.68 14.81
CA GLU A 38 5.19 -1.33 14.12
C GLU A 38 4.87 -0.85 12.69
N ILE A 39 4.12 -1.66 11.94
CA ILE A 39 3.77 -1.36 10.56
C ILE A 39 3.12 0.02 10.40
N SER A 40 2.27 0.40 11.34
CA SER A 40 1.49 1.63 11.20
C SER A 40 2.38 2.86 11.41
N ASP A 41 3.46 2.69 12.15
CA ASP A 41 4.43 3.72 12.41
C ASP A 41 5.59 3.83 11.38
N LYS A 43 7.36 4.36 7.63
CA LYS A 43 7.14 5.05 6.36
C LYS A 43 6.91 4.06 5.26
N THR A 44 6.28 4.55 4.20
CA THR A 44 5.88 3.73 3.08
C THR A 44 7.09 2.98 2.47
N THR A 45 8.19 3.67 2.20
CA THR A 45 9.31 3.02 1.50
C THR A 45 10.13 2.13 2.47
N GLU A 46 10.10 2.44 3.76
CA GLU A 46 10.65 1.54 4.78
C GLU A 46 9.97 0.20 4.74
N LEU A 47 8.63 0.24 4.75
CA LEU A 47 7.83 -1.00 4.72
C LEU A 47 8.06 -1.80 3.44
N TYR A 48 8.21 -1.09 2.33
CA TYR A 48 8.41 -1.72 1.04
C TYR A 48 9.75 -2.45 1.01
N ALA A 49 10.80 -1.80 1.51
CA ALA A 49 12.13 -2.45 1.58
C ALA A 49 12.13 -3.62 2.60
N PHE A 50 11.44 -3.45 3.71
CA PHE A 50 11.35 -4.50 4.75
C PHE A 50 10.69 -5.74 4.15
N LEU A 51 9.52 -5.60 3.53
CA LEU A 51 8.82 -6.75 2.90
C LEU A 51 9.61 -7.41 1.77
N TYR A 52 10.27 -6.60 0.96
CA TYR A 52 11.10 -7.14 -0.09
C TYR A 52 12.08 -8.12 0.51
N VAL A 53 12.83 -7.71 1.52
CA VAL A 53 13.75 -8.65 2.21
C VAL A 53 13.04 -9.77 2.98
N ALA A 54 11.93 -9.46 3.66
CA ALA A 54 11.19 -10.46 4.42
C ALA A 54 10.59 -11.51 3.52
N LEU A 55 10.15 -11.12 2.31
CA LEU A 55 9.48 -12.06 1.36
C LEU A 55 10.44 -12.81 0.47
N PHE A 56 11.50 -12.13 0.01
CA PHE A 56 12.41 -12.70 -0.97
C PHE A 56 13.85 -12.92 -0.50
N GLY A 57 14.07 -12.76 0.80
CA GLY A 57 15.37 -13.12 1.39
C GLY A 57 16.31 -11.94 1.47
N PRO A 58 17.50 -12.18 2.03
CA PRO A 58 18.58 -11.20 2.17
C PRO A 58 18.98 -10.57 0.84
N LYS A 59 19.19 -9.25 0.84
CA LYS A 59 19.57 -8.51 -0.37
C LYS A 59 20.81 -7.65 -0.19
N LYS A 60 21.59 -7.56 -1.25
CA LYS A 60 22.64 -6.55 -1.37
C LYS A 60 21.98 -5.16 -1.48
N LYS A 62 22.79 -2.83 -3.51
CA LYS A 62 22.51 -2.74 -4.97
C LYS A 62 21.13 -3.24 -5.34
N GLU A 63 20.81 -4.43 -4.85
CA GLU A 63 19.57 -5.11 -5.14
C GLU A 63 18.40 -4.28 -4.67
N ILE A 64 18.55 -3.62 -3.50
CA ILE A 64 17.45 -2.86 -2.92
C ILE A 64 17.29 -1.55 -3.67
N ALA A 65 18.40 -0.95 -4.09
CA ALA A 65 18.37 0.27 -4.91
C ALA A 65 17.67 -0.02 -6.23
N GLU A 66 18.18 -0.98 -7.00
CA GLU A 66 17.54 -1.35 -8.26
C GLU A 66 16.05 -1.56 -8.04
N PHE A 67 15.70 -2.27 -6.97
CA PHE A 67 14.29 -2.52 -6.64
C PHE A 67 13.50 -1.28 -6.23
N LEU A 68 14.15 -0.38 -5.50
CA LEU A 68 13.46 0.80 -4.93
C LEU A 68 13.37 1.87 -6.03
N SER A 69 13.39 1.41 -7.29
CA SER A 69 13.69 2.30 -8.41
C SER A 69 14.40 3.51 -7.89
N THR A 70 15.28 3.32 -6.89
CA THR A 70 15.85 4.46 -6.11
C THR A 70 17.37 4.45 -6.03
N THR A 71 17.93 5.43 -5.31
CA THR A 71 19.38 5.61 -5.25
C THR A 71 20.03 4.76 -4.14
N LYS A 72 21.37 4.68 -4.19
CA LYS A 72 22.18 4.04 -3.13
C LYS A 72 22.07 4.81 -1.81
N SER A 73 22.17 6.14 -1.89
CA SER A 73 22.01 7.02 -0.73
C SER A 73 20.67 6.72 -0.03
N ASN A 74 19.56 6.89 -0.74
CA ASN A 74 18.23 6.72 -0.14
C ASN A 74 17.97 5.29 0.36
N VAL A 75 18.67 4.31 -0.23
CA VAL A 75 18.61 2.95 0.30
C VAL A 75 19.29 2.91 1.68
N THR A 76 20.43 3.59 1.83
CA THR A 76 21.16 3.46 3.09
C THR A 76 20.36 4.11 4.24
N ASN A 77 19.62 5.17 3.92
CA ASN A 77 18.69 5.76 4.87
C ASN A 77 17.50 4.88 5.21
N VAL A 78 16.83 4.31 4.23
CA VAL A 78 15.74 3.41 4.53
C VAL A 78 16.31 2.28 5.42
N VAL A 79 17.46 1.71 5.05
CA VAL A 79 18.02 0.57 5.81
C VAL A 79 18.49 1.04 7.19
N ASP A 80 19.20 2.16 7.29
CA ASP A 80 19.58 2.70 8.62
C ASP A 80 18.31 2.89 9.48
N SER A 81 17.23 3.34 8.89
CA SER A 81 16.02 3.53 9.67
C SER A 81 15.40 2.21 10.14
N LEU A 82 15.35 1.24 9.26
CA LEU A 82 14.88 -0.11 9.60
C LEU A 82 15.77 -0.72 10.66
N GLU A 83 17.04 -0.39 10.57
CA GLU A 83 18.00 -0.87 11.57
C GLU A 83 17.80 -0.28 12.94
N LYS A 84 17.42 0.99 13.03
CA LYS A 84 17.20 1.57 14.33
C LYS A 84 15.88 1.22 14.95
N ARG A 85 14.90 0.74 14.15
CA ARG A 85 13.70 0.10 14.71
C ARG A 85 13.97 -1.36 15.09
N GLY A 86 15.16 -1.87 14.79
CA GLY A 86 15.58 -3.18 15.27
C GLY A 86 15.05 -4.34 14.45
N LEU A 87 14.68 -4.04 13.20
CA LEU A 87 14.04 -5.01 12.30
C LEU A 87 15.00 -5.72 11.35
N VAL A 88 16.09 -5.07 10.97
CA VAL A 88 17.09 -5.64 10.04
C VAL A 88 18.51 -5.24 10.47
N VAL A 89 19.49 -5.88 9.85
CA VAL A 89 20.88 -5.68 10.17
C VAL A 89 21.65 -6.03 8.90
N ARG A 90 22.81 -5.43 8.68
CA ARG A 90 23.66 -5.74 7.53
C ARG A 90 24.68 -6.75 8.02
N GLU A 91 24.82 -7.86 7.33
CA GLU A 91 25.65 -8.95 7.79
C GLU A 91 26.57 -9.41 6.71
N ASP A 93 28.76 -12.19 4.69
CA ASP A 93 28.50 -13.58 4.34
C ASP A 93 29.54 -14.47 5.05
N PRO A 94 29.10 -15.55 5.73
CA PRO A 94 30.03 -16.42 6.45
C PRO A 94 31.07 -17.03 5.50
N VAL A 95 30.60 -17.56 4.37
CA VAL A 95 31.46 -18.22 3.39
C VAL A 95 32.25 -17.21 2.57
N ASP A 96 31.52 -16.27 1.98
CA ASP A 96 32.09 -15.24 1.11
C ASP A 96 33.14 -14.45 1.86
N ARG A 97 32.72 -13.93 3.03
CA ARG A 97 33.54 -13.09 3.89
C ARG A 97 33.64 -11.66 3.33
N ARG A 98 33.32 -11.48 2.04
CA ARG A 98 33.54 -10.21 1.32
C ARG A 98 32.33 -9.70 0.53
N THR A 99 31.12 -10.18 0.89
CA THR A 99 29.84 -9.59 0.45
C THR A 99 28.96 -9.39 1.67
N TYR A 100 28.15 -8.33 1.68
CA TYR A 100 27.23 -8.16 2.79
C TYR A 100 25.83 -7.90 2.32
N ARG A 101 24.87 -8.33 3.12
CA ARG A 101 23.47 -8.22 2.75
C ARG A 101 22.66 -7.81 3.94
N VAL A 102 21.52 -7.19 3.65
CA VAL A 102 20.55 -6.85 4.65
C VAL A 102 19.79 -8.18 4.95
N VAL A 103 19.74 -8.54 6.21
CA VAL A 103 18.99 -9.68 6.67
C VAL A 103 18.06 -9.20 7.81
N LEU A 104 17.01 -9.95 8.07
CA LEU A 104 16.08 -9.68 9.17
C LEU A 104 16.71 -10.02 10.52
N THR A 105 16.41 -9.24 11.54
CA THR A 105 16.75 -9.64 12.91
C THR A 105 15.76 -10.68 13.38
N GLU A 106 15.88 -11.15 14.60
CA GLU A 106 14.88 -12.00 15.19
C GLU A 106 13.56 -11.30 15.28
N LYS A 107 13.60 -10.03 15.67
CA LYS A 107 12.42 -9.21 15.81
C LYS A 107 11.82 -8.90 14.45
N GLY A 108 12.66 -8.85 13.43
CA GLY A 108 12.20 -8.61 12.06
C GLY A 108 11.31 -9.76 11.65
N LYS A 109 11.82 -10.96 11.88
CA LYS A 109 11.07 -12.24 11.61
C LYS A 109 9.78 -12.36 12.42
N GLU A 110 9.78 -11.87 13.65
CA GLU A 110 8.57 -11.94 14.47
C GLU A 110 7.51 -10.98 13.91
N ILE A 111 7.91 -9.79 13.49
CA ILE A 111 6.98 -8.83 12.92
C ILE A 111 6.46 -9.35 11.59
N PHE A 112 7.33 -9.93 10.76
CA PHE A 112 6.86 -10.49 9.49
C PHE A 112 5.89 -11.64 9.71
N GLY A 113 6.13 -12.46 10.73
CA GLY A 113 5.21 -13.51 11.11
C GLY A 113 3.83 -12.98 11.50
N GLU A 114 3.80 -11.87 12.22
CA GLU A 114 2.53 -11.26 12.51
C GLU A 114 1.84 -10.77 11.24
N ILE A 115 2.63 -10.20 10.36
CA ILE A 115 2.12 -9.62 9.14
C ILE A 115 1.52 -10.70 8.23
N LEU A 116 2.26 -11.80 8.11
CA LEU A 116 1.86 -12.96 7.33
C LEU A 116 0.59 -13.58 7.93
N SER A 117 0.54 -13.61 9.26
CA SER A 117 -0.62 -14.10 9.97
C SER A 117 -1.86 -13.22 9.73
N ASN A 118 -1.68 -11.91 9.72
CA ASN A 118 -2.77 -11.00 9.46
C ASN A 118 -3.26 -11.13 8.03
N PHE A 119 -2.34 -11.33 7.11
CA PHE A 119 -2.68 -11.49 5.70
C PHE A 119 -3.51 -12.78 5.48
N GLU A 120 -3.10 -13.86 6.11
CA GLU A 120 -3.83 -15.10 6.04
C GLU A 120 -5.27 -14.99 6.56
N SER A 121 -5.42 -14.34 7.69
CA SER A 121 -6.70 -13.92 8.23
C SER A 121 -7.60 -13.10 7.26
N LEU A 122 -7.07 -12.03 6.67
CA LEU A 122 -7.78 -11.28 5.63
C LEU A 122 -8.21 -12.19 4.44
N LEU A 123 -7.30 -13.04 4.00
CA LEU A 123 -7.53 -14.01 2.92
C LEU A 123 -8.68 -14.95 3.27
N LYS A 124 -8.68 -15.50 4.49
CA LYS A 124 -9.77 -16.35 4.93
C LYS A 124 -11.10 -15.57 4.91
N SER A 125 -11.15 -14.39 5.52
CA SER A 125 -12.31 -13.49 5.41
C SER A 125 -12.78 -13.19 4.01
N VAL A 126 -11.88 -12.96 3.06
CA VAL A 126 -12.28 -12.69 1.68
C VAL A 126 -12.87 -13.95 1.08
N LEU A 127 -12.17 -15.07 1.27
CA LEU A 127 -12.55 -16.31 0.65
C LEU A 127 -13.92 -16.78 1.17
N GLU A 128 -14.23 -16.52 2.43
CA GLU A 128 -15.53 -16.89 3.01
C GLU A 128 -16.73 -16.15 2.33
N LYS A 129 -16.43 -15.11 1.56
CA LYS A 129 -17.45 -14.30 0.88
C LYS A 129 -17.56 -14.63 -0.58
N PHE A 130 -16.78 -15.57 -1.05
CA PHE A 130 -16.89 -16.04 -2.42
C PHE A 130 -17.57 -17.44 -2.54
N SER A 131 -18.51 -17.58 -3.46
CA SER A 131 -19.01 -18.90 -3.83
C SER A 131 -17.95 -19.46 -4.77
N GLU A 132 -18.09 -20.71 -5.22
CA GLU A 132 -17.19 -21.27 -6.20
C GLU A 132 -17.29 -20.51 -7.49
N GLU A 133 -18.49 -20.10 -7.85
CA GLU A 133 -18.70 -19.26 -9.01
C GLU A 133 -18.02 -17.90 -8.91
N ASP A 134 -18.15 -17.17 -7.79
CA ASP A 134 -17.46 -15.90 -7.59
C ASP A 134 -15.93 -16.12 -7.73
N PHE A 135 -15.45 -17.16 -7.07
CA PHE A 135 -14.04 -17.50 -7.11
C PHE A 135 -13.50 -17.78 -8.50
N LYS A 136 -14.26 -18.47 -9.36
CA LYS A 136 -13.80 -18.78 -10.69
C LYS A 136 -13.58 -17.51 -11.50
N VAL A 137 -14.55 -16.62 -11.48
CA VAL A 137 -14.44 -15.33 -12.16
C VAL A 137 -13.34 -14.48 -11.61
N VAL A 138 -13.26 -14.35 -10.29
CA VAL A 138 -12.27 -13.48 -9.68
C VAL A 138 -10.83 -13.96 -9.99
N SER A 139 -10.57 -15.25 -9.81
CA SER A 139 -9.24 -15.76 -9.97
C SER A 139 -8.82 -15.89 -11.43
N GLU A 140 -9.78 -16.15 -12.30
CA GLU A 140 -9.50 -16.02 -13.72
C GLU A 140 -9.00 -14.63 -14.10
N GLY A 141 -9.65 -13.63 -13.54
CA GLY A 141 -9.27 -12.25 -13.76
C GLY A 141 -7.92 -11.99 -13.20
N PHE A 142 -7.67 -12.46 -11.99
CA PHE A 142 -6.36 -12.29 -11.37
C PHE A 142 -5.23 -12.90 -12.19
N ASN A 143 -5.42 -14.16 -12.57
CA ASN A 143 -4.49 -14.89 -13.42
C ASN A 143 -4.22 -14.19 -14.77
N ARG A 144 -5.29 -13.76 -15.41
CA ARG A 144 -5.16 -13.06 -16.67
C ARG A 144 -4.39 -11.75 -16.49
N VAL A 146 -2.07 -11.08 -14.09
CA VAL A 146 -0.71 -11.41 -13.87
C VAL A 146 -0.05 -11.87 -15.17
N GLU A 147 -0.69 -12.74 -15.95
CA GLU A 147 -0.08 -13.12 -17.20
C GLU A 147 0.11 -11.91 -18.14
N ALA A 148 -0.90 -11.08 -18.34
CA ALA A 148 -0.73 -9.93 -19.27
C ALA A 148 0.40 -8.98 -18.86
N LEU A 149 0.55 -8.71 -17.57
CA LEU A 149 1.60 -7.83 -17.07
C LEU A 149 3.00 -8.46 -17.07
N SER A 150 3.08 -9.73 -17.38
CA SER A 150 4.34 -10.45 -17.37
CA SER A 150 4.32 -10.50 -17.38
C SER A 150 4.82 -10.75 -18.78
N ARG A 151 4.04 -10.37 -19.79
CA ARG A 151 4.34 -10.73 -21.15
C ARG A 151 5.69 -10.27 -21.77
N GLU A 152 5.86 -8.99 -22.04
CA GLU A 152 6.66 -8.70 -23.26
C GLU A 152 8.06 -9.31 -23.16
N HIS B 12 -2.02 -26.18 -5.26
CA HIS B 12 -1.75 -26.02 -3.80
C HIS B 12 -0.96 -24.71 -3.56
N ASP B 14 -0.29 -21.59 -0.84
CA ASP B 14 -0.46 -21.01 0.52
C ASP B 14 -0.48 -19.49 0.51
N ALA B 15 -0.84 -18.89 1.64
CA ALA B 15 -0.96 -17.41 1.80
C ALA B 15 0.34 -16.63 1.53
N LEU B 16 1.47 -17.18 1.93
CA LEU B 16 2.78 -16.67 1.54
C LEU B 16 3.00 -16.56 0.02
N GLU B 17 2.51 -17.54 -0.73
CA GLU B 17 2.68 -17.59 -2.17
C GLU B 17 1.85 -16.49 -2.84
N ILE B 18 0.71 -16.16 -2.26
CA ILE B 18 -0.18 -15.13 -2.84
C ILE B 18 0.37 -13.76 -2.53
N PHE B 19 0.88 -13.64 -1.31
CA PHE B 19 1.61 -12.47 -0.86
C PHE B 19 2.78 -12.16 -1.79
N LYS B 20 3.65 -13.15 -2.01
CA LYS B 20 4.78 -12.99 -2.92
C LYS B 20 4.35 -12.53 -4.33
N THR B 21 3.24 -13.06 -4.85
CA THR B 21 2.75 -12.72 -6.20
C THR B 21 2.19 -11.29 -6.19
N LEU B 22 1.40 -10.96 -5.18
CA LEU B 22 0.86 -9.60 -5.03
C LEU B 22 1.96 -8.56 -4.99
N PHE B 23 3.01 -8.86 -4.25
CA PHE B 23 4.15 -7.96 -4.07
C PHE B 23 5.00 -7.81 -5.32
N SER B 24 5.23 -8.88 -6.06
CA SER B 24 5.84 -8.81 -7.39
C SER B 24 5.04 -7.93 -8.35
N LEU B 25 3.73 -8.09 -8.32
CA LEU B 25 2.84 -7.26 -9.10
C LEU B 25 3.07 -5.78 -8.69
N VAL B 26 2.84 -5.47 -7.42
CA VAL B 26 3.13 -4.12 -6.90
C VAL B 26 4.50 -3.61 -7.36
N ARG B 28 5.97 -4.35 -10.05
CA ARG B 28 5.81 -3.96 -11.45
C ARG B 28 4.99 -2.66 -11.66
N PHE B 29 3.97 -2.47 -10.83
CA PHE B 29 3.27 -1.19 -10.82
C PHE B 29 4.25 -0.07 -10.44
N SER B 30 5.22 -0.37 -9.56
CA SER B 30 6.30 0.58 -9.19
C SER B 30 7.16 1.00 -10.38
N SER B 31 7.29 0.07 -11.33
CA SER B 31 8.08 0.30 -12.54
C SER B 31 7.33 1.10 -13.60
N TYR B 32 6.00 1.25 -13.47
CA TYR B 32 5.18 2.05 -14.38
C TYR B 32 4.67 3.34 -13.75
N LEU B 33 5.02 3.53 -12.46
CA LEU B 33 4.52 4.59 -11.59
C LEU B 33 5.66 5.45 -11.04
N PRO B 34 5.73 6.74 -11.43
CA PRO B 34 6.77 7.70 -10.98
C PRO B 34 6.99 7.92 -9.47
N SER B 35 7.84 8.90 -9.15
CA SER B 35 8.20 9.23 -7.77
C SER B 35 7.34 10.36 -7.25
N ASN B 36 6.96 10.27 -5.99
CA ASN B 36 6.54 11.47 -5.19
C ASN B 36 7.33 11.55 -3.85
N GLU B 37 7.98 12.69 -3.58
CA GLU B 37 8.94 12.79 -2.46
C GLU B 37 8.34 13.02 -1.10
N GLU B 38 7.05 13.32 -1.04
CA GLU B 38 6.37 13.52 0.24
C GLU B 38 5.48 12.30 0.52
N ILE B 39 4.92 11.71 -0.54
CA ILE B 39 4.29 10.40 -0.40
C ILE B 39 5.26 9.40 0.25
N SER B 40 6.54 9.47 -0.13
CA SER B 40 7.51 8.48 0.33
C SER B 40 7.97 8.76 1.76
N ASP B 41 7.87 10.02 2.20
CA ASP B 41 8.26 10.39 3.55
C ASP B 41 7.15 10.09 4.57
N LYS B 43 4.31 8.22 6.82
CA LYS B 43 3.98 6.94 7.43
C LYS B 43 2.67 6.42 6.82
N THR B 44 2.44 5.13 6.98
CA THR B 44 1.39 4.45 6.19
C THR B 44 -0.01 4.92 6.54
N THR B 45 -0.27 5.11 7.84
CA THR B 45 -1.57 5.64 8.27
C THR B 45 -1.78 7.15 7.93
N GLU B 46 -0.71 7.93 7.80
CA GLU B 46 -0.81 9.33 7.34
C GLU B 46 -1.21 9.42 5.89
N LEU B 47 -0.56 8.60 5.07
CA LEU B 47 -0.92 8.46 3.64
C LEU B 47 -2.37 7.98 3.47
N TYR B 48 -2.73 6.99 4.27
CA TYR B 48 -4.05 6.41 4.20
C TYR B 48 -5.13 7.43 4.58
N ALA B 49 -4.89 8.27 5.59
CA ALA B 49 -5.90 9.28 6.02
C ALA B 49 -5.92 10.43 5.04
N PHE B 50 -4.75 10.86 4.59
CA PHE B 50 -4.63 11.89 3.55
C PHE B 50 -5.45 11.54 2.31
N LEU B 51 -5.33 10.30 1.85
CA LEU B 51 -6.04 9.85 0.66
C LEU B 51 -7.53 9.77 0.91
N TYR B 52 -7.94 9.45 2.13
CA TYR B 52 -9.35 9.42 2.46
C TYR B 52 -10.00 10.80 2.29
N VAL B 53 -9.35 11.83 2.83
CA VAL B 53 -9.89 13.16 2.74
C VAL B 53 -9.83 13.68 1.29
N ALA B 54 -8.68 13.44 0.63
CA ALA B 54 -8.51 13.81 -0.78
C ALA B 54 -9.56 13.16 -1.68
N LEU B 55 -9.96 11.92 -1.36
CA LEU B 55 -10.87 11.15 -2.22
C LEU B 55 -12.35 11.39 -1.90
N PHE B 56 -12.71 11.34 -0.63
CA PHE B 56 -14.12 11.44 -0.24
C PHE B 56 -14.50 12.83 0.28
N GLY B 57 -13.62 13.80 0.06
CA GLY B 57 -13.85 15.20 0.44
C GLY B 57 -13.62 15.46 1.91
N PRO B 58 -13.81 16.74 2.32
CA PRO B 58 -13.71 17.16 3.71
C PRO B 58 -14.39 16.22 4.69
N LYS B 59 -13.80 16.06 5.87
CA LYS B 59 -14.27 15.07 6.84
C LYS B 59 -14.20 15.61 8.23
N LYS B 60 -15.10 15.12 9.07
CA LYS B 60 -15.08 15.39 10.51
C LYS B 60 -14.01 14.50 11.14
N LYS B 62 -14.46 12.81 13.65
CA LYS B 62 -15.25 11.62 13.98
C LYS B 62 -15.24 10.62 12.83
N GLU B 63 -15.34 11.12 11.60
CA GLU B 63 -15.36 10.27 10.40
C GLU B 63 -13.97 9.69 10.08
N ILE B 64 -12.94 10.49 10.33
CA ILE B 64 -11.54 10.06 10.17
C ILE B 64 -11.24 9.03 11.26
N ALA B 65 -11.65 9.31 12.49
CA ALA B 65 -11.46 8.35 13.59
C ALA B 65 -12.16 7.00 13.33
N GLU B 66 -13.36 7.02 12.75
CA GLU B 66 -14.08 5.78 12.43
C GLU B 66 -13.34 5.05 11.32
N PHE B 67 -13.10 5.77 10.23
CA PHE B 67 -12.45 5.26 9.03
C PHE B 67 -11.08 4.61 9.25
N LEU B 68 -10.32 5.17 10.16
CA LEU B 68 -8.94 4.74 10.34
C LEU B 68 -8.97 3.43 11.16
N SER B 69 -10.08 2.68 11.09
CA SER B 69 -10.40 1.62 12.08
C SER B 69 -9.68 1.90 13.37
N THR B 70 -9.51 3.19 13.70
CA THR B 70 -8.51 3.64 14.71
C THR B 70 -9.08 4.56 15.80
N THR B 71 -8.23 4.94 16.76
CA THR B 71 -8.67 5.72 17.93
C THR B 71 -8.74 7.26 17.67
N LYS B 72 -9.40 7.99 18.58
CA LYS B 72 -9.46 9.46 18.55
C LYS B 72 -8.08 10.09 18.81
N SER B 73 -7.32 9.48 19.71
CA SER B 73 -5.95 9.88 20.00
C SER B 73 -5.06 9.76 18.76
N ASN B 74 -4.96 8.56 18.22
CA ASN B 74 -4.16 8.32 17.00
C ASN B 74 -4.61 9.15 15.79
N VAL B 75 -5.88 9.49 15.68
CA VAL B 75 -6.35 10.46 14.68
C VAL B 75 -5.83 11.89 14.89
N THR B 76 -5.75 12.36 16.15
CA THR B 76 -5.22 13.73 16.36
C THR B 76 -3.73 13.74 15.97
N ASN B 77 -2.98 12.69 16.30
CA ASN B 77 -1.59 12.55 15.85
C ASN B 77 -1.46 12.53 14.34
N VAL B 78 -2.36 11.82 13.67
CA VAL B 78 -2.29 11.68 12.23
C VAL B 78 -2.62 13.02 11.53
N VAL B 79 -3.64 13.72 12.01
CA VAL B 79 -4.07 14.99 11.41
C VAL B 79 -3.02 16.05 11.72
N ASP B 80 -2.59 16.16 12.97
CA ASP B 80 -1.49 17.09 13.38
C ASP B 80 -0.26 16.91 12.48
N SER B 81 0.12 15.66 12.28
CA SER B 81 1.27 15.39 11.43
C SER B 81 1.04 15.78 9.95
N LEU B 82 -0.18 15.58 9.47
CA LEU B 82 -0.56 16.03 8.10
C LEU B 82 -0.66 17.56 7.98
N GLU B 83 -0.98 18.20 9.11
CA GLU B 83 -1.05 19.66 9.19
C GLU B 83 0.37 20.24 9.19
N LYS B 84 1.25 19.66 10.02
CA LYS B 84 2.67 20.02 10.00
C LYS B 84 3.22 19.97 8.57
N ARG B 85 2.87 18.91 7.83
CA ARG B 85 3.38 18.71 6.48
C ARG B 85 2.78 19.64 5.43
N GLY B 86 1.75 20.38 5.77
CA GLY B 86 1.22 21.39 4.87
C GLY B 86 0.14 20.87 4.00
N LEU B 87 -0.28 19.63 4.27
CA LEU B 87 -1.07 18.85 3.35
C LEU B 87 -2.56 18.96 3.66
N VAL B 88 -2.90 19.22 4.92
CA VAL B 88 -4.32 19.37 5.31
C VAL B 88 -4.43 20.48 6.35
N VAL B 89 -5.62 21.07 6.46
CA VAL B 89 -5.89 22.04 7.49
C VAL B 89 -7.18 21.70 8.24
N ARG B 90 -7.20 22.04 9.53
CA ARG B 90 -8.48 22.01 10.29
C ARG B 90 -9.19 23.34 10.09
N GLU B 91 -10.45 23.28 9.70
CA GLU B 91 -11.31 24.44 9.70
C GLU B 91 -12.01 24.43 11.04
N ASP B 93 -14.80 25.41 13.88
CA ASP B 93 -16.13 25.86 14.17
C ASP B 93 -15.97 27.05 15.11
N PRO B 94 -16.42 28.25 14.67
CA PRO B 94 -16.25 29.42 15.50
C PRO B 94 -17.14 29.46 16.73
N VAL B 95 -18.13 28.59 16.81
CA VAL B 95 -19.01 28.59 17.98
C VAL B 95 -18.35 27.93 19.21
N ASP B 96 -17.56 26.86 19.00
CA ASP B 96 -16.98 26.13 20.14
C ASP B 96 -15.47 25.97 20.08
N ARG B 97 -14.84 26.58 19.08
CA ARG B 97 -13.39 26.50 18.91
C ARG B 97 -12.85 25.06 18.75
N ARG B 98 -13.69 24.16 18.23
CA ARG B 98 -13.24 22.83 17.87
C ARG B 98 -13.20 22.67 16.34
N THR B 99 -12.67 21.54 15.86
CA THR B 99 -12.53 21.29 14.43
C THR B 99 -13.91 21.08 13.89
N TYR B 100 -14.20 21.78 12.82
CA TYR B 100 -15.42 21.58 12.08
C TYR B 100 -15.14 20.47 11.00
N ARG B 101 -14.11 20.68 10.19
CA ARG B 101 -13.66 19.69 9.22
C ARG B 101 -12.15 19.64 9.03
N VAL B 102 -11.64 18.49 8.57
CA VAL B 102 -10.35 18.48 7.86
C VAL B 102 -10.56 18.59 6.35
N VAL B 103 -9.79 19.50 5.76
CA VAL B 103 -9.82 19.76 4.34
C VAL B 103 -8.40 19.80 3.80
N LEU B 104 -8.26 19.57 2.49
CA LEU B 104 -6.93 19.67 1.85
C LEU B 104 -6.50 21.12 1.76
N THR B 105 -5.21 21.38 1.97
CA THR B 105 -4.59 22.66 1.66
C THR B 105 -4.28 22.65 0.17
N GLU B 106 -3.80 23.80 -0.30
CA GLU B 106 -3.36 23.99 -1.67
C GLU B 106 -2.26 22.99 -2.01
N LYS B 107 -1.20 22.98 -1.21
CA LYS B 107 -0.11 22.02 -1.35
C LYS B 107 -0.64 20.57 -1.34
N GLY B 108 -1.63 20.31 -0.51
CA GLY B 108 -2.28 19.02 -0.40
C GLY B 108 -2.91 18.61 -1.72
N LYS B 109 -3.61 19.54 -2.34
CA LYS B 109 -4.34 19.30 -3.58
C LYS B 109 -3.39 19.03 -4.72
N GLU B 110 -2.31 19.81 -4.74
CA GLU B 110 -1.25 19.68 -5.75
C GLU B 110 -0.62 18.31 -5.71
N ILE B 111 -0.09 17.95 -4.54
CA ILE B 111 0.43 16.60 -4.29
C ILE B 111 -0.57 15.50 -4.71
N PHE B 112 -1.82 15.64 -4.33
CA PHE B 112 -2.77 14.65 -4.75
C PHE B 112 -2.96 14.58 -6.25
N GLY B 113 -2.59 15.66 -6.95
CA GLY B 113 -2.53 15.67 -8.41
C GLY B 113 -1.33 14.92 -8.99
N GLU B 114 -0.15 15.10 -8.40
CA GLU B 114 1.00 14.23 -8.71
C GLU B 114 0.55 12.77 -8.65
N ILE B 115 -0.07 12.38 -7.54
CA ILE B 115 -0.44 10.98 -7.32
C ILE B 115 -1.45 10.54 -8.36
N LEU B 116 -2.40 11.43 -8.65
CA LEU B 116 -3.46 11.14 -9.62
C LEU B 116 -2.88 10.97 -11.02
N SER B 117 -1.95 11.85 -11.34
CA SER B 117 -1.30 11.91 -12.60
C SER B 117 -0.39 10.71 -12.83
N ASN B 118 0.39 10.36 -11.79
CA ASN B 118 1.25 9.17 -11.87
C ASN B 118 0.44 7.91 -12.08
N PHE B 119 -0.73 7.88 -11.49
CA PHE B 119 -1.61 6.73 -11.60
C PHE B 119 -2.39 6.69 -12.92
N GLU B 120 -2.63 7.84 -13.53
CA GLU B 120 -3.21 7.92 -14.85
C GLU B 120 -2.22 7.28 -15.81
N SER B 121 -0.95 7.61 -15.65
CA SER B 121 0.05 7.09 -16.55
C SER B 121 0.42 5.63 -16.26
N LEU B 122 0.13 5.11 -15.06
CA LEU B 122 0.28 3.70 -14.79
C LEU B 122 -0.79 2.96 -15.57
N LEU B 123 -2.05 3.40 -15.46
CA LEU B 123 -3.15 2.79 -16.20
C LEU B 123 -2.94 2.77 -17.72
N LYS B 124 -2.48 3.85 -18.29
CA LYS B 124 -2.21 3.89 -19.71
C LYS B 124 -1.26 2.75 -20.10
N SER B 125 -0.23 2.51 -19.28
CA SER B 125 0.71 1.41 -19.50
C SER B 125 0.17 0.04 -19.33
N VAL B 126 -0.56 -0.18 -18.26
CA VAL B 126 -1.25 -1.44 -18.06
C VAL B 126 -2.17 -1.72 -19.27
N LEU B 127 -2.91 -0.69 -19.68
CA LEU B 127 -3.97 -0.88 -20.66
C LEU B 127 -3.39 -1.24 -22.02
N GLU B 128 -2.30 -0.60 -22.42
CA GLU B 128 -1.51 -1.02 -23.57
C GLU B 128 -1.03 -2.45 -23.57
N LYS B 129 -0.98 -3.08 -22.40
CA LYS B 129 -0.67 -4.51 -22.32
C LYS B 129 -1.89 -5.43 -22.37
N PHE B 130 -3.10 -4.87 -22.40
CA PHE B 130 -4.35 -5.66 -22.36
C PHE B 130 -5.06 -5.62 -23.74
N SER B 131 -5.40 -6.79 -24.27
CA SER B 131 -6.37 -6.90 -25.34
C SER B 131 -7.75 -6.62 -24.78
N GLU B 132 -8.76 -6.52 -25.65
CA GLU B 132 -10.12 -6.21 -25.25
C GLU B 132 -10.64 -7.41 -24.47
N GLU B 133 -10.16 -8.57 -24.88
CA GLU B 133 -10.46 -9.82 -24.24
C GLU B 133 -9.86 -9.90 -22.83
N ASP B 134 -8.57 -9.60 -22.69
CA ASP B 134 -7.91 -9.48 -21.38
C ASP B 134 -8.72 -8.53 -20.54
N PHE B 135 -9.05 -7.37 -21.09
CA PHE B 135 -9.75 -6.32 -20.35
C PHE B 135 -11.11 -6.83 -19.85
N LYS B 136 -11.86 -7.58 -20.63
CA LYS B 136 -13.15 -8.14 -20.18
C LYS B 136 -13.00 -9.08 -19.02
N VAL B 137 -12.06 -9.99 -19.12
CA VAL B 137 -11.81 -11.00 -18.10
C VAL B 137 -11.36 -10.38 -16.77
N VAL B 138 -10.44 -9.44 -16.84
CA VAL B 138 -9.88 -8.85 -15.66
C VAL B 138 -10.92 -7.94 -15.02
N SER B 139 -11.60 -7.19 -15.85
CA SER B 139 -12.70 -6.37 -15.43
C SER B 139 -13.84 -7.14 -14.67
N GLU B 140 -14.27 -8.25 -15.23
CA GLU B 140 -15.34 -9.07 -14.68
C GLU B 140 -15.01 -9.60 -13.32
N GLY B 141 -13.75 -9.93 -13.14
CA GLY B 141 -13.28 -10.46 -11.89
C GLY B 141 -13.13 -9.38 -10.84
N PHE B 142 -12.78 -8.18 -11.27
CA PHE B 142 -12.71 -7.06 -10.35
C PHE B 142 -14.12 -6.63 -9.88
N ASN B 143 -15.07 -6.49 -10.80
CA ASN B 143 -16.46 -6.18 -10.46
C ASN B 143 -17.09 -7.24 -9.53
N ARG B 144 -16.80 -8.51 -9.79
CA ARG B 144 -17.30 -9.61 -9.01
C ARG B 144 -16.71 -9.60 -7.59
N VAL B 146 -15.59 -6.80 -6.02
CA VAL B 146 -16.19 -5.67 -5.35
C VAL B 146 -17.64 -6.01 -4.93
N GLU B 147 -18.44 -6.56 -5.83
CA GLU B 147 -19.77 -7.10 -5.55
C GLU B 147 -19.77 -8.01 -4.32
N ALA B 148 -18.93 -9.04 -4.32
CA ALA B 148 -18.93 -10.05 -3.26
C ALA B 148 -18.54 -9.47 -1.92
N LEU B 149 -17.57 -8.59 -1.91
CA LEU B 149 -17.13 -7.95 -0.67
C LEU B 149 -18.06 -6.85 -0.13
N SER B 150 -19.03 -6.43 -0.93
CA SER B 150 -20.06 -5.48 -0.51
C SER B 150 -21.28 -6.13 0.12
N ARG B 151 -21.44 -7.43 0.01
CA ARG B 151 -22.66 -8.08 0.42
C ARG B 151 -23.09 -7.89 1.89
N GLU B 152 -22.29 -8.32 2.85
CA GLU B 152 -22.94 -8.90 4.05
C GLU B 152 -24.32 -8.32 4.34
#